data_7JPH
#
_entry.id   7JPH
#
_cell.length_a   114.061
_cell.length_b   114.061
_cell.length_c   136.216
_cell.angle_alpha   90.000
_cell.angle_beta   90.000
_cell.angle_gamma   120.000
#
_symmetry.space_group_name_H-M   'P 3 2 1'
#
loop_
_entity.id
_entity.type
_entity.pdbx_description
1 polymer 'Envelope glycoprotein'
2 polymer 'Envelope glycoprotein'
3 branched 2-acetamido-2-deoxy-beta-D-glucopyranose-(1-4)-2-acetamido-2-deoxy-beta-D-glucopyranose
4 branched alpha-D-mannopyranose-(1-3)-alpha-D-mannopyranose-(1-6)-[alpha-D-mannopyranose-(1-3)]beta-D-mannopyranose-(1-4)-2-acetamido-2-deoxy-beta-D-glucopyranose-(1-4)-2-acetamido-2-deoxy-beta-D-glucopyranose
5 non-polymer 2-acetamido-2-deoxy-beta-D-glucopyranose
6 non-polymer 'PHOSPHATE ION'
#
loop_
_entity_poly.entity_id
_entity_poly.type
_entity_poly.pdbx_seq_one_letter_code
_entity_poly.pdbx_strand_id
1 'polypeptide(L)'
;IPLGVIHNSALQVSDVDKLVCRDKLSSTNQLRSVGLNLEGNGVATDVPSATKRWGFRSGVPPKVVNYEAGEWAENCYNLE
IKKPDGSECLPAAPDGIRGFPRCRYVHKVSGTGPCAGDFAFHKEGAFFLYDRLASTVIYRGTTFAEGVVAFLILPQAKKD
FFSSHPLREPVNATEDPSSGYYSTTIRYQATGFGTNETEYLFEVDNLTYVQLESRFTPQFLLQLNETIYTSGKRSNTTGK
LIWKVNPEIDTTIGEWAFWETKKNLTRKIRSEELSFTV(UNK)(UNK)(UNK)(UNK)(UNK)(UNK)
;
A
2 'polypeptide(L)'
;EAIVNAQPKCNPNLHYWTTQDEGAAIGLAWIPYFGPAAEGIYIEGLMHNQDGLICGLRQLANETTQALQLFLRATPELRT
FSILNRKAIDFLLQRWGGTCHILGPDCCIEPHDLTKNITDKIDQIIHDFVDKTLPDASGYIPEAPRDGQAYVRKDGEWVL
LSTFLGSHHHHHH
;
B
#
# COMPACT_ATOMS: atom_id res chain seq x y z
N ILE A 1 5.58 -5.35 -16.24
CA ILE A 1 4.98 -4.61 -15.13
C ILE A 1 5.40 -3.16 -15.31
N PRO A 2 4.44 -2.23 -15.45
CA PRO A 2 4.76 -0.87 -15.86
C PRO A 2 5.42 -0.05 -14.75
N LEU A 3 6.25 0.87 -15.20
CA LEU A 3 7.25 1.58 -14.37
C LEU A 3 7.01 3.07 -14.48
N GLY A 4 6.85 3.73 -13.34
CA GLY A 4 6.68 5.19 -13.31
C GLY A 4 7.98 5.91 -13.61
N VAL A 5 7.94 6.97 -14.43
CA VAL A 5 9.09 7.89 -14.55
C VAL A 5 8.58 9.31 -14.63
N ILE A 6 9.39 10.24 -14.15
CA ILE A 6 8.99 11.67 -14.12
C ILE A 6 9.62 12.38 -15.30
N HIS A 7 8.75 12.80 -16.23
CA HIS A 7 9.14 13.55 -17.46
C HIS A 7 8.30 14.82 -17.51
N ASN A 8 8.89 15.97 -17.84
CA ASN A 8 8.11 17.20 -18.06
C ASN A 8 7.29 17.53 -16.81
N SER A 9 7.89 17.30 -15.66
CA SER A 9 7.31 17.64 -14.34
C SER A 9 6.03 16.84 -14.07
N ALA A 10 5.91 15.68 -14.67
CA ALA A 10 4.73 14.86 -14.41
C ALA A 10 5.06 13.39 -14.50
N LEU A 11 4.48 12.60 -13.60
CA LEU A 11 4.68 11.15 -13.56
C LEU A 11 3.97 10.50 -14.71
N GLN A 12 4.64 9.59 -15.39
CA GLN A 12 3.96 8.83 -16.46
C GLN A 12 4.44 7.40 -16.47
N VAL A 13 3.67 6.53 -17.11
CA VAL A 13 4.17 5.14 -17.35
C VAL A 13 5.21 5.18 -18.44
N SER A 14 6.40 4.67 -18.17
CA SER A 14 7.49 4.62 -19.18
C SER A 14 7.30 3.44 -20.10
N ASP A 15 7.60 3.68 -21.38
CA ASP A 15 7.35 2.73 -22.47
C ASP A 15 8.69 2.22 -23.03
N VAL A 16 8.77 0.89 -23.17
CA VAL A 16 10.07 0.17 -23.34
C VAL A 16 10.66 0.45 -24.73
N ASP A 17 9.82 0.33 -25.78
CA ASP A 17 10.20 0.34 -27.22
C ASP A 17 11.07 1.56 -27.57
N LYS A 18 11.07 2.64 -26.75
CA LYS A 18 11.87 3.87 -27.03
C LYS A 18 12.17 4.66 -25.76
N LEU A 19 12.74 4.01 -24.76
CA LEU A 19 13.34 4.75 -23.62
C LEU A 19 14.68 5.36 -24.01
N VAL A 20 15.03 6.46 -23.35
CA VAL A 20 15.89 7.46 -24.00
C VAL A 20 16.88 7.92 -22.95
N CYS A 21 18.07 8.29 -23.43
CA CYS A 21 19.36 8.29 -22.71
C CYS A 21 19.41 9.40 -21.68
N ARG A 22 18.62 10.46 -21.88
CA ARG A 22 18.54 11.52 -20.84
C ARG A 22 18.17 10.91 -19.49
N ASP A 23 17.15 10.06 -19.49
CA ASP A 23 16.83 9.14 -18.35
C ASP A 23 18.13 8.64 -17.74
N LYS A 24 18.18 8.51 -16.42
CA LYS A 24 19.43 8.08 -15.76
C LYS A 24 19.13 7.27 -14.51
N LEU A 25 19.55 6.01 -14.50
CA LEU A 25 19.43 5.09 -13.35
C LEU A 25 20.84 4.77 -12.91
N SER A 26 21.24 5.37 -11.80
CA SER A 26 22.64 5.32 -11.35
C SER A 26 22.87 4.23 -10.32
N SER A 27 21.81 3.87 -9.63
CA SER A 27 21.80 2.79 -8.64
C SER A 27 20.43 2.17 -8.53
N THR A 28 20.36 1.05 -7.81
CA THR A 28 19.12 0.30 -7.53
C THR A 28 18.21 1.07 -6.59
N ASN A 29 18.84 1.97 -5.83
CA ASN A 29 18.20 2.78 -4.79
C ASN A 29 17.27 3.74 -5.49
N GLN A 30 17.36 3.84 -6.82
CA GLN A 30 16.49 4.75 -7.55
C GLN A 30 15.17 4.09 -7.84
N LEU A 31 15.08 2.77 -7.72
CA LEU A 31 13.82 2.06 -7.97
C LEU A 31 13.11 1.84 -6.66
N ARG A 32 11.80 2.13 -6.68
CA ARG A 32 11.00 1.90 -5.46
C ARG A 32 9.72 1.19 -5.80
N SER A 33 9.36 0.30 -4.86
CA SER A 33 8.07 -0.38 -4.78
C SER A 33 7.33 0.24 -3.61
N VAL A 34 6.13 0.69 -3.90
CA VAL A 34 5.33 1.54 -2.98
C VAL A 34 3.95 0.95 -2.90
N GLY A 35 3.47 0.80 -1.67
CA GLY A 35 2.14 0.23 -1.41
C GLY A 35 1.07 1.24 -0.98
N LEU A 36 0.16 1.63 -1.88
CA LEU A 36 -0.87 2.63 -1.62
C LEU A 36 -2.13 1.92 -1.17
N ASN A 37 -2.71 2.43 -0.09
CA ASN A 37 -3.99 1.92 0.47
C ASN A 37 -5.17 2.43 -0.36
N LEU A 38 -6.10 1.50 -0.42
CA LEU A 38 -7.34 1.68 -1.19
C LEU A 38 -8.24 2.79 -0.66
N GLU A 39 -8.21 3.04 0.64
CA GLU A 39 -8.89 4.18 1.26
C GLU A 39 -8.67 5.48 0.48
N GLY A 40 -7.41 5.75 0.13
CA GLY A 40 -6.97 6.95 -0.53
C GLY A 40 -7.56 7.18 -1.89
N ASN A 41 -8.18 6.18 -2.45
CA ASN A 41 -8.99 6.36 -3.66
C ASN A 41 -10.47 6.47 -3.32
N GLY A 42 -10.78 6.32 -2.05
CA GLY A 42 -12.09 6.66 -1.50
C GLY A 42 -13.07 5.52 -1.70
N VAL A 43 -12.62 4.32 -1.43
CA VAL A 43 -13.55 3.17 -1.24
C VAL A 43 -14.09 3.26 0.17
N ALA A 44 -15.28 2.72 0.39
CA ALA A 44 -15.86 2.67 1.75
C ALA A 44 -15.06 1.73 2.64
N THR A 45 -14.70 2.24 3.80
CA THR A 45 -13.76 1.62 4.75
C THR A 45 -14.45 0.88 5.89
N ASP A 46 -15.78 0.95 5.96
CA ASP A 46 -16.64 0.28 6.93
C ASP A 46 -16.64 -1.24 6.70
N VAL A 47 -16.89 -1.97 7.76
CA VAL A 47 -16.61 -3.43 7.86
C VAL A 47 -17.49 -4.22 6.91
N PRO A 48 -18.80 -3.93 6.79
CA PRO A 48 -19.67 -4.68 5.88
C PRO A 48 -19.47 -4.32 4.41
N SER A 49 -18.99 -3.11 4.15
CA SER A 49 -18.73 -2.67 2.76
C SER A 49 -17.38 -3.24 2.31
N ALA A 50 -16.43 -3.26 3.21
CA ALA A 50 -15.09 -3.83 3.00
C ALA A 50 -15.20 -5.31 2.69
N THR A 51 -15.85 -6.04 3.59
CA THR A 51 -16.04 -7.50 3.50
C THR A 51 -16.68 -7.90 2.18
N LYS A 52 -17.52 -7.03 1.60
CA LYS A 52 -18.24 -7.37 0.35
C LYS A 52 -17.28 -7.56 -0.82
N ARG A 53 -16.07 -7.00 -0.70
CA ARG A 53 -15.03 -7.01 -1.75
C ARG A 53 -14.13 -8.26 -1.66
N TRP A 54 -14.39 -9.12 -0.68
CA TRP A 54 -13.58 -10.35 -0.45
C TRP A 54 -14.45 -11.56 -0.70
N GLY A 55 -13.88 -12.60 -1.26
CA GLY A 55 -14.53 -13.91 -1.38
C GLY A 55 -13.55 -15.07 -1.27
N PHE A 56 -14.12 -16.21 -0.89
CA PHE A 56 -13.47 -17.53 -0.93
C PHE A 56 -13.49 -18.10 -2.34
N ARG A 57 -12.41 -18.80 -2.67
CA ARG A 57 -12.21 -19.44 -3.97
C ARG A 57 -11.17 -20.52 -3.76
N SER A 58 -11.23 -21.56 -4.56
CA SER A 58 -10.26 -22.68 -4.52
C SER A 58 -9.68 -22.98 -5.89
N GLY A 59 -8.46 -23.51 -5.88
CA GLY A 59 -7.71 -23.94 -7.07
C GLY A 59 -6.80 -22.85 -7.60
N VAL A 60 -6.83 -21.68 -6.97
CA VAL A 60 -5.87 -20.59 -7.19
C VAL A 60 -4.95 -20.64 -5.98
N PRO A 61 -3.63 -20.85 -6.19
CA PRO A 61 -2.61 -20.79 -5.14
C PRO A 61 -2.21 -19.35 -4.85
N PRO A 62 -1.83 -19.12 -3.59
CA PRO A 62 -1.51 -17.75 -3.13
C PRO A 62 -0.14 -17.30 -3.60
N LYS A 63 -0.01 -16.01 -3.88
CA LYS A 63 1.30 -15.44 -4.23
C LYS A 63 1.57 -14.15 -3.45
N VAL A 64 2.84 -13.97 -3.10
CA VAL A 64 3.31 -12.89 -2.20
C VAL A 64 4.38 -12.12 -2.94
N VAL A 65 4.33 -10.81 -2.80
CA VAL A 65 5.28 -9.90 -3.48
C VAL A 65 5.72 -8.86 -2.48
N ASN A 66 6.99 -8.51 -2.52
CA ASN A 66 7.52 -7.51 -1.55
C ASN A 66 7.43 -6.11 -2.13
N TYR A 67 7.09 -5.15 -1.24
CA TYR A 67 7.17 -3.71 -1.47
C TYR A 67 7.95 -3.10 -0.31
N GLU A 68 8.40 -1.87 -0.51
CA GLU A 68 9.50 -1.28 0.29
C GLU A 68 8.90 -0.23 1.22
N ALA A 69 7.80 0.38 0.85
CA ALA A 69 7.24 1.51 1.64
C ALA A 69 5.74 1.55 1.45
N GLY A 70 5.05 1.82 2.56
CA GLY A 70 3.59 1.79 2.65
C GLY A 70 3.02 3.10 3.16
N GLU A 71 1.73 3.30 2.87
CA GLU A 71 0.98 4.45 3.38
C GLU A 71 0.58 4.15 4.82
N TRP A 72 0.74 5.11 5.72
CA TRP A 72 -0.03 5.13 6.98
C TRP A 72 -1.51 4.96 6.64
N ALA A 73 -2.13 3.98 7.29
CA ALA A 73 -3.53 3.61 7.05
C ALA A 73 -4.41 4.13 8.16
N GLU A 74 -5.65 4.38 7.81
CA GLU A 74 -6.72 4.76 8.76
C GLU A 74 -7.47 3.49 9.21
N ASN A 75 -7.65 2.58 8.27
CA ASN A 75 -8.52 1.40 8.47
C ASN A 75 -7.77 0.17 8.05
N CYS A 76 -7.71 -0.78 8.97
CA CYS A 76 -7.23 -2.14 8.73
C CYS A 76 -8.20 -3.17 9.30
N TYR A 77 -7.93 -4.41 8.97
CA TYR A 77 -8.86 -5.52 9.31
C TYR A 77 -8.05 -6.68 9.83
N ASN A 78 -8.64 -7.41 10.78
CA ASN A 78 -7.99 -8.59 11.38
C ASN A 78 -8.98 -9.74 11.56
N LEU A 79 -8.97 -10.68 10.61
CA LEU A 79 -10.05 -11.70 10.55
C LEU A 79 -9.63 -12.98 11.25
N GLU A 80 -10.49 -13.43 12.16
CA GLU A 80 -10.54 -14.81 12.70
C GLU A 80 -11.96 -15.30 12.48
N ILE A 81 -12.12 -16.11 11.44
CA ILE A 81 -13.43 -16.66 11.04
C ILE A 81 -13.36 -18.17 11.15
N LYS A 82 -14.37 -18.74 11.80
CA LYS A 82 -14.59 -20.20 11.85
C LYS A 82 -15.79 -20.60 11.00
N LYS A 83 -15.77 -21.78 10.41
CA LYS A 83 -17.00 -22.34 9.83
C LYS A 83 -17.89 -22.73 11.00
N PRO A 84 -19.20 -22.94 10.75
CA PRO A 84 -20.14 -23.14 11.85
C PRO A 84 -19.75 -24.25 12.83
N ASP A 85 -19.21 -25.32 12.25
CA ASP A 85 -18.73 -26.53 12.95
C ASP A 85 -17.25 -26.44 13.40
N GLY A 86 -16.96 -25.33 14.09
CA GLY A 86 -15.70 -25.08 14.82
C GLY A 86 -14.44 -25.09 13.98
N SER A 87 -14.52 -25.34 12.67
CA SER A 87 -13.32 -25.50 11.82
C SER A 87 -12.73 -24.14 11.41
N GLU A 88 -11.40 -24.11 11.31
CA GLU A 88 -10.71 -22.87 10.91
C GLU A 88 -10.91 -22.61 9.41
N CYS A 89 -11.24 -21.35 9.13
CA CYS A 89 -11.62 -20.86 7.79
C CYS A 89 -10.48 -20.19 7.05
N LEU A 90 -9.56 -19.58 7.79
CA LEU A 90 -8.44 -18.79 7.22
C LEU A 90 -7.11 -19.44 7.60
N PRO A 91 -6.15 -19.58 6.66
CA PRO A 91 -4.91 -20.27 7.00
C PRO A 91 -4.00 -19.39 7.84
N ALA A 92 -3.21 -20.05 8.67
CA ALA A 92 -2.29 -19.35 9.58
C ALA A 92 -1.30 -18.53 8.80
N ALA A 93 -0.94 -17.38 9.34
CA ALA A 93 0.09 -16.49 8.75
C ALA A 93 1.39 -17.27 8.55
N PRO A 94 1.90 -17.37 7.30
CA PRO A 94 3.15 -18.11 7.11
C PRO A 94 4.29 -17.35 7.76
N ASP A 95 5.40 -18.05 7.98
CA ASP A 95 6.56 -17.47 8.71
C ASP A 95 7.09 -16.24 8.00
N GLY A 96 7.15 -15.11 8.71
CA GLY A 96 7.60 -13.85 8.13
C GLY A 96 6.52 -12.86 7.79
N ILE A 97 5.26 -13.21 7.99
CA ILE A 97 4.13 -12.38 7.50
C ILE A 97 3.53 -11.68 8.70
N ARG A 98 3.75 -10.39 8.81
CA ARG A 98 3.32 -9.58 9.97
C ARG A 98 2.17 -8.67 9.56
N GLY A 99 1.33 -8.29 10.51
CA GLY A 99 0.29 -7.29 10.23
C GLY A 99 0.84 -5.95 9.80
N PHE A 100 0.04 -5.26 9.02
CA PHE A 100 0.41 -3.96 8.42
C PHE A 100 0.91 -3.03 9.50
N PRO A 101 2.09 -2.38 9.37
CA PRO A 101 2.68 -1.69 10.50
C PRO A 101 2.05 -0.38 11.00
N ARG A 102 1.24 0.29 10.19
CA ARG A 102 0.66 1.60 10.59
C ARG A 102 -0.82 1.60 10.21
N CYS A 103 -1.64 1.34 11.22
CA CYS A 103 -3.12 1.42 11.21
C CYS A 103 -3.60 2.28 12.36
N ARG A 104 -4.59 3.10 12.11
CA ARG A 104 -5.27 3.92 13.13
C ARG A 104 -6.36 3.08 13.79
N TYR A 105 -7.19 2.44 12.99
CA TYR A 105 -8.22 1.55 13.53
C TYR A 105 -8.15 0.18 12.90
N VAL A 106 -8.01 -0.82 13.75
CA VAL A 106 -7.95 -2.26 13.38
C VAL A 106 -9.31 -2.89 13.67
N HIS A 107 -10.03 -3.21 12.60
CA HIS A 107 -11.38 -3.78 12.72
C HIS A 107 -11.24 -5.27 12.98
N LYS A 108 -11.26 -5.69 14.24
CA LYS A 108 -11.01 -7.10 14.58
C LYS A 108 -12.35 -7.82 14.52
N VAL A 109 -12.57 -8.55 13.43
CA VAL A 109 -13.80 -9.33 13.19
C VAL A 109 -13.57 -10.75 13.68
N SER A 110 -14.42 -11.20 14.61
CA SER A 110 -14.60 -12.65 14.93
C SER A 110 -15.99 -13.05 14.43
N GLY A 111 -16.19 -14.31 14.14
CA GLY A 111 -17.52 -14.76 13.72
C GLY A 111 -17.47 -16.08 13.00
N THR A 112 -18.55 -16.37 12.31
CA THR A 112 -18.66 -17.60 11.50
C THR A 112 -19.32 -17.30 10.17
N GLY A 113 -19.02 -18.14 9.19
CA GLY A 113 -19.41 -17.92 7.80
C GLY A 113 -19.44 -19.25 7.10
N PRO A 114 -20.09 -19.35 5.94
CA PRO A 114 -20.04 -20.59 5.18
C PRO A 114 -18.69 -21.00 4.62
N CYS A 115 -17.88 -20.01 4.26
CA CYS A 115 -16.48 -20.12 3.76
C CYS A 115 -16.34 -21.19 2.70
N ALA A 116 -17.01 -21.01 1.57
CA ALA A 116 -17.02 -22.06 0.53
C ALA A 116 -15.78 -22.01 -0.35
N GLY A 117 -14.63 -22.32 0.21
CA GLY A 117 -13.37 -22.11 -0.53
C GLY A 117 -12.15 -22.27 0.31
N ASP A 118 -11.04 -22.55 -0.36
CA ASP A 118 -9.75 -22.80 0.32
C ASP A 118 -9.18 -21.49 0.84
N PHE A 119 -9.10 -20.45 0.00
CA PHE A 119 -8.47 -19.17 0.32
C PHE A 119 -9.42 -18.03 0.01
N ALA A 120 -9.13 -16.92 0.68
CA ALA A 120 -9.93 -15.68 0.61
C ALA A 120 -9.15 -14.63 -0.15
N PHE A 121 -9.71 -14.25 -1.31
CA PHE A 121 -9.09 -13.30 -2.25
C PHE A 121 -9.87 -11.99 -2.28
N HIS A 122 -9.22 -10.99 -2.85
CA HIS A 122 -9.82 -9.66 -3.14
C HIS A 122 -10.47 -9.70 -4.51
N LYS A 123 -11.77 -9.45 -4.52
CA LYS A 123 -12.65 -9.64 -5.71
C LYS A 123 -12.34 -8.64 -6.82
N GLU A 124 -11.72 -7.53 -6.46
CA GLU A 124 -11.51 -6.41 -7.40
C GLU A 124 -10.12 -6.43 -8.03
N GLY A 125 -9.30 -7.39 -7.61
CA GLY A 125 -7.94 -7.59 -8.14
C GLY A 125 -6.86 -6.95 -7.30
N ALA A 126 -7.23 -6.49 -6.11
CA ALA A 126 -6.34 -5.76 -5.21
C ALA A 126 -5.62 -6.75 -4.30
N PHE A 127 -4.75 -6.22 -3.45
CA PHE A 127 -3.89 -7.02 -2.57
C PHE A 127 -4.23 -6.77 -1.13
N PHE A 128 -3.89 -7.75 -0.31
CA PHE A 128 -3.84 -7.57 1.16
C PHE A 128 -2.39 -7.20 1.49
N LEU A 129 -2.25 -5.99 2.02
CA LEU A 129 -0.95 -5.43 2.42
C LEU A 129 -0.67 -5.86 3.84
N TYR A 130 0.45 -6.57 4.02
CA TYR A 130 1.04 -6.86 5.34
C TYR A 130 2.34 -6.11 5.42
N ASP A 131 3.20 -6.57 6.35
CA ASP A 131 4.46 -5.87 6.64
C ASP A 131 5.45 -6.06 5.49
N ARG A 132 5.45 -5.12 4.55
CA ARG A 132 6.41 -5.09 3.38
C ARG A 132 6.21 -6.29 2.46
N LEU A 133 5.11 -7.01 2.64
CA LEU A 133 4.67 -8.12 1.78
C LEU A 133 3.22 -7.84 1.44
N ALA A 134 2.93 -7.98 0.15
CA ALA A 134 1.57 -7.99 -0.41
C ALA A 134 1.23 -9.43 -0.71
N SER A 135 0.04 -9.84 -0.32
CA SER A 135 -0.45 -11.19 -0.68
C SER A 135 -1.80 -11.14 -1.35
N THR A 136 -2.06 -12.21 -2.07
CA THR A 136 -3.32 -12.36 -2.84
C THR A 136 -4.43 -12.84 -1.90
N VAL A 137 -4.10 -13.16 -0.65
CA VAL A 137 -5.07 -13.91 0.21
C VAL A 137 -5.05 -13.30 1.58
N ILE A 138 -6.06 -13.61 2.39
CA ILE A 138 -6.11 -13.19 3.82
C ILE A 138 -5.58 -14.33 4.67
N TYR A 139 -4.70 -13.98 5.60
CA TYR A 139 -4.25 -14.92 6.66
C TYR A 139 -5.04 -14.63 7.94
N ARG A 140 -5.30 -15.73 8.66
CA ARG A 140 -6.01 -15.70 9.95
C ARG A 140 -5.36 -14.70 10.90
N GLY A 141 -6.19 -13.86 11.51
CA GLY A 141 -5.80 -13.14 12.73
C GLY A 141 -4.59 -12.25 12.54
N THR A 142 -4.41 -11.76 11.32
CA THR A 142 -3.22 -10.94 10.96
C THR A 142 -3.73 -9.67 10.33
N THR A 143 -3.33 -8.54 10.92
CA THR A 143 -3.86 -7.22 10.52
C THR A 143 -3.42 -6.94 9.09
N PHE A 144 -4.33 -6.47 8.23
CA PHE A 144 -3.95 -6.05 6.86
C PHE A 144 -4.67 -4.78 6.47
N ALA A 145 -4.25 -4.26 5.34
CA ALA A 145 -4.91 -3.16 4.63
C ALA A 145 -5.14 -3.61 3.20
N GLU A 146 -6.23 -3.17 2.61
CA GLU A 146 -6.45 -3.31 1.15
C GLU A 146 -5.58 -2.30 0.42
N GLY A 147 -4.91 -2.75 -0.62
CA GLY A 147 -4.30 -1.77 -1.53
C GLY A 147 -3.57 -2.38 -2.67
N VAL A 148 -2.62 -1.64 -3.22
CA VAL A 148 -2.10 -1.83 -4.60
C VAL A 148 -0.63 -1.41 -4.58
N VAL A 149 0.17 -1.98 -5.47
CA VAL A 149 1.61 -1.69 -5.49
C VAL A 149 1.94 -1.02 -6.83
N ALA A 150 2.81 0.00 -6.76
CA ALA A 150 3.40 0.64 -7.95
C ALA A 150 4.92 0.54 -7.86
N PHE A 151 5.57 0.57 -9.01
CA PHE A 151 7.02 0.62 -9.12
C PHE A 151 7.41 1.91 -9.83
N LEU A 152 8.41 2.61 -9.30
CA LEU A 152 8.96 3.75 -10.06
C LEU A 152 10.45 3.89 -10.00
N ILE A 153 10.94 4.62 -10.98
CA ILE A 153 12.30 5.22 -11.02
C ILE A 153 12.21 6.68 -10.62
N LEU A 154 12.84 7.03 -9.48
CA LEU A 154 13.07 8.42 -9.07
C LEU A 154 14.18 9.00 -9.91
N PRO A 155 14.13 10.29 -10.32
CA PRO A 155 15.34 10.97 -10.81
C PRO A 155 16.29 11.13 -9.62
N GLN A 156 17.61 11.29 -9.84
CA GLN A 156 18.53 11.41 -8.70
C GLN A 156 18.54 12.83 -8.14
N ALA A 157 17.73 13.74 -8.67
CA ALA A 157 17.29 14.96 -7.93
C ALA A 157 16.52 14.52 -6.67
N LYS A 158 15.70 13.47 -6.83
CA LYS A 158 14.71 13.07 -5.82
C LYS A 158 14.97 11.67 -5.28
N LYS A 159 16.16 11.10 -5.49
CA LYS A 159 16.47 9.69 -5.17
C LYS A 159 16.11 9.31 -3.73
N ASP A 160 16.09 10.29 -2.84
CA ASP A 160 15.89 10.08 -1.40
C ASP A 160 14.42 10.12 -1.01
N PHE A 161 13.50 10.42 -1.93
CA PHE A 161 12.05 10.19 -1.71
C PHE A 161 11.78 8.83 -1.11
N PHE A 162 10.91 8.84 -0.11
CA PHE A 162 10.61 7.64 0.72
C PHE A 162 11.81 7.26 1.64
N SER A 163 13.01 7.06 1.07
CA SER A 163 14.21 6.47 1.73
C SER A 163 14.64 7.23 3.00
N SER A 164 14.96 8.53 2.90
CA SER A 164 15.64 9.31 3.97
C SER A 164 15.20 10.78 3.93
N HIS A 165 14.74 11.29 5.09
CA HIS A 165 14.20 12.67 5.28
C HIS A 165 12.92 12.84 4.47
N SER A 178 6.89 14.04 13.26
CA SER A 178 6.81 12.69 13.90
C SER A 178 6.09 12.79 15.25
N SER A 179 4.80 13.14 15.23
CA SER A 179 3.97 13.41 16.44
C SER A 179 3.31 12.13 16.96
N GLY A 180 3.54 10.97 16.31
CA GLY A 180 3.48 9.65 16.97
C GLY A 180 2.32 8.76 16.57
N TYR A 181 2.51 7.46 16.76
CA TYR A 181 1.67 6.39 16.19
C TYR A 181 0.71 5.87 17.26
N TYR A 182 -0.57 5.99 16.95
CA TYR A 182 -1.68 5.75 17.90
C TYR A 182 -2.66 4.76 17.27
N SER A 183 -3.01 3.69 17.98
CA SER A 183 -3.77 2.57 17.42
C SER A 183 -4.93 2.22 18.34
N THR A 184 -5.94 1.60 17.78
CA THR A 184 -7.14 1.15 18.56
C THR A 184 -7.91 -0.02 17.96
N THR A 185 -7.79 -1.20 18.56
CA THR A 185 -8.59 -2.37 18.13
C THR A 185 -10.07 -2.11 18.36
N ILE A 186 -10.87 -2.50 17.37
CA ILE A 186 -12.35 -2.43 17.46
C ILE A 186 -12.97 -3.80 17.27
N ARG A 187 -13.49 -4.42 18.33
CA ARG A 187 -13.96 -5.82 18.22
C ARG A 187 -15.34 -5.83 17.55
N TYR A 188 -15.59 -6.89 16.81
CA TYR A 188 -16.92 -7.16 16.23
C TYR A 188 -17.13 -8.67 16.28
N GLN A 189 -18.40 -9.05 16.19
CA GLN A 189 -18.90 -10.42 15.81
C GLN A 189 -19.64 -10.40 14.47
N ALA A 190 -19.82 -11.56 13.83
CA ALA A 190 -20.61 -11.67 12.59
C ALA A 190 -20.93 -13.13 12.30
N THR A 191 -22.09 -13.26 11.68
CA THR A 191 -22.65 -14.54 11.20
C THR A 191 -22.95 -14.38 9.72
N GLY A 192 -22.75 -15.46 8.97
CA GLY A 192 -23.11 -15.52 7.56
C GLY A 192 -22.05 -14.87 6.70
N PHE A 193 -20.83 -14.82 7.25
CA PHE A 193 -19.69 -14.06 6.68
C PHE A 193 -19.44 -14.48 5.24
N GLY A 194 -19.44 -13.52 4.32
CA GLY A 194 -19.02 -13.76 2.94
C GLY A 194 -20.15 -13.97 1.97
N THR A 195 -21.38 -14.09 2.47
CA THR A 195 -22.60 -14.13 1.65
C THR A 195 -23.17 -12.72 1.55
N ASN A 196 -24.33 -12.61 0.92
CA ASN A 196 -25.00 -11.31 0.73
C ASN A 196 -25.90 -11.00 1.93
N GLU A 197 -25.92 -11.92 2.90
CA GLU A 197 -26.95 -11.95 3.98
C GLU A 197 -26.35 -12.04 5.38
N THR A 198 -25.42 -11.14 5.68
CA THR A 198 -24.54 -11.23 6.86
C THR A 198 -24.88 -10.21 7.93
N GLU A 199 -24.81 -10.66 9.18
CA GLU A 199 -25.15 -9.87 10.38
C GLU A 199 -23.89 -9.57 11.19
N TYR A 200 -23.69 -8.29 11.47
CA TYR A 200 -22.52 -7.82 12.26
C TYR A 200 -22.99 -7.14 13.53
N LEU A 201 -22.37 -7.42 14.65
CA LEU A 201 -22.58 -6.74 15.94
C LEU A 201 -21.23 -6.23 16.39
N PHE A 202 -21.27 -5.05 16.97
CA PHE A 202 -20.07 -4.36 17.50
C PHE A 202 -19.98 -4.58 19.00
N GLU A 203 -18.83 -5.11 19.46
CA GLU A 203 -18.62 -5.48 20.88
C GLU A 203 -18.16 -4.28 21.71
N VAL A 204 -18.86 -4.12 22.82
CA VAL A 204 -18.54 -3.15 23.92
C VAL A 204 -17.91 -3.90 25.09
N ASP A 205 -18.48 -5.02 25.43
CA ASP A 205 -17.92 -5.97 26.42
C ASP A 205 -18.45 -7.32 26.07
N ASN A 206 -18.10 -8.32 26.89
CA ASN A 206 -18.47 -9.74 26.66
C ASN A 206 -19.84 -9.90 26.01
N LEU A 207 -20.85 -9.37 26.69
CA LEU A 207 -22.27 -9.64 26.44
C LEU A 207 -23.03 -8.41 25.92
N THR A 208 -22.35 -7.27 25.83
CA THR A 208 -22.99 -6.02 25.36
C THR A 208 -22.60 -5.74 23.91
N TYR A 209 -23.37 -6.32 23.01
CA TYR A 209 -23.22 -6.07 21.55
C TYR A 209 -24.14 -4.95 21.12
N VAL A 210 -23.74 -4.23 20.07
CA VAL A 210 -24.56 -3.20 19.38
C VAL A 210 -24.78 -3.62 17.93
N GLN A 211 -26.00 -3.56 17.45
CA GLN A 211 -26.30 -3.91 16.06
C GLN A 211 -25.67 -2.86 15.17
N LEU A 212 -25.12 -3.32 14.07
CA LEU A 212 -24.19 -2.54 13.21
C LEU A 212 -24.80 -2.15 11.87
N GLU A 213 -24.54 -0.91 11.44
CA GLU A 213 -25.01 -0.37 10.16
C GLU A 213 -23.78 0.21 9.45
N SER A 214 -23.95 0.46 8.16
CA SER A 214 -22.86 0.93 7.26
C SER A 214 -22.34 2.30 7.68
N ARG A 215 -23.27 3.20 7.94
CA ARG A 215 -22.95 4.64 8.05
C ARG A 215 -22.15 4.95 9.30
N PHE A 216 -22.05 4.00 10.23
CA PHE A 216 -21.38 4.22 11.53
C PHE A 216 -19.87 4.27 11.32
N THR A 217 -19.30 5.43 11.67
CA THR A 217 -17.86 5.69 11.61
C THR A 217 -17.19 5.25 12.91
N PRO A 218 -15.90 4.86 12.83
CA PRO A 218 -15.11 4.50 14.00
C PRO A 218 -15.18 5.48 15.17
N GLN A 219 -15.01 6.76 14.87
CA GLN A 219 -15.08 7.80 15.91
C GLN A 219 -16.34 7.63 16.74
N PHE A 220 -17.46 7.42 16.05
CA PHE A 220 -18.82 7.41 16.62
C PHE A 220 -19.05 6.09 17.33
N LEU A 221 -18.42 5.03 16.83
CA LEU A 221 -18.38 3.73 17.53
C LEU A 221 -17.66 3.85 18.86
N LEU A 222 -16.62 4.68 18.89
CA LEU A 222 -15.84 4.91 20.14
C LEU A 222 -16.62 5.75 21.13
N GLN A 223 -17.35 6.76 20.68
CA GLN A 223 -18.26 7.56 21.50
C GLN A 223 -19.46 6.77 21.95
N LEU A 224 -19.94 5.87 21.15
CA LEU A 224 -21.00 4.91 21.56
C LEU A 224 -20.47 3.95 22.62
N ASN A 225 -19.22 3.51 22.47
CA ASN A 225 -18.54 2.75 23.53
C ASN A 225 -18.46 3.54 24.84
N GLU A 226 -18.17 4.83 24.72
CA GLU A 226 -18.05 5.83 25.78
C GLU A 226 -19.37 6.24 26.39
N THR A 227 -20.48 5.99 25.71
CA THR A 227 -21.85 6.30 26.17
C THR A 227 -22.52 5.14 26.91
N ILE A 228 -22.36 3.94 26.38
CA ILE A 228 -22.91 2.73 27.05
C ILE A 228 -22.15 2.45 28.34
N TYR A 229 -20.82 2.51 28.25
CA TYR A 229 -19.94 2.43 29.42
C TYR A 229 -20.32 3.48 30.45
N THR A 230 -20.12 4.73 30.07
CA THR A 230 -20.32 5.93 30.91
C THR A 230 -21.70 5.88 31.54
N SER A 231 -22.74 5.75 30.72
CA SER A 231 -24.13 5.96 31.18
C SER A 231 -24.80 4.65 31.61
N GLY A 232 -24.05 3.54 31.71
CA GLY A 232 -24.40 2.41 32.57
C GLY A 232 -25.31 1.40 31.93
N LYS A 233 -25.37 1.43 30.60
CA LYS A 233 -26.24 0.58 29.77
C LYS A 233 -25.58 -0.76 29.47
N ARG A 234 -24.47 -1.05 30.16
CA ARG A 234 -23.79 -2.38 30.01
C ARG A 234 -24.59 -3.42 30.79
N SER A 235 -24.97 -4.54 30.15
CA SER A 235 -25.86 -5.56 30.73
C SER A 235 -25.32 -6.11 32.06
N ASN A 236 -26.11 -5.88 33.10
CA ASN A 236 -25.77 -6.25 34.50
C ASN A 236 -26.07 -7.72 34.73
N THR A 237 -26.88 -8.29 33.84
CA THR A 237 -27.30 -9.71 33.86
C THR A 237 -26.10 -10.58 33.46
N THR A 238 -26.36 -11.85 33.20
CA THR A 238 -25.38 -12.77 32.55
C THR A 238 -26.02 -13.40 31.30
N GLY A 239 -26.88 -12.61 30.64
CA GLY A 239 -27.37 -12.82 29.27
C GLY A 239 -26.83 -11.80 28.28
N LYS A 240 -26.84 -12.17 27.01
CA LYS A 240 -26.37 -11.30 25.91
C LYS A 240 -27.38 -10.15 25.76
N LEU A 241 -26.94 -8.92 26.05
CA LEU A 241 -27.71 -7.71 25.71
C LEU A 241 -27.38 -7.29 24.28
N ILE A 242 -28.38 -7.24 23.42
CA ILE A 242 -28.18 -6.75 22.02
C ILE A 242 -28.89 -5.41 21.85
N TRP A 243 -28.15 -4.32 22.04
CA TRP A 243 -28.60 -2.93 21.86
C TRP A 243 -28.98 -2.72 20.39
N LYS A 244 -29.53 -1.56 20.13
CA LYS A 244 -29.76 -0.98 18.78
C LYS A 244 -29.75 0.53 18.93
N VAL A 245 -29.43 1.19 17.84
CA VAL A 245 -29.51 2.67 17.74
C VAL A 245 -30.67 3.10 16.85
N ASN A 246 -31.31 4.18 17.27
CA ASN A 246 -32.32 4.94 16.49
C ASN A 246 -31.70 5.38 15.17
N PRO A 247 -32.48 5.33 14.06
CA PRO A 247 -32.05 5.89 12.78
C PRO A 247 -32.22 7.42 12.75
N GLU A 248 -31.89 8.10 13.86
CA GLU A 248 -32.18 9.53 14.09
C GLU A 248 -30.88 10.33 14.27
N ILE A 249 -29.75 9.74 13.89
CA ILE A 249 -28.43 10.43 13.79
C ILE A 249 -28.00 10.39 12.32
N ASP A 250 -27.70 11.56 11.73
CA ASP A 250 -27.49 11.76 10.26
C ASP A 250 -26.06 12.25 10.01
N THR A 251 -25.57 12.07 8.77
CA THR A 251 -24.24 12.53 8.30
C THR A 251 -24.36 13.27 6.96
N THR A 252 -25.27 12.86 6.07
CA THR A 252 -25.50 13.41 4.70
C THR A 252 -24.17 13.43 3.92
N GLU A 255 -21.30 12.07 2.47
CA GLU A 255 -20.23 11.26 1.85
C GLU A 255 -18.95 12.11 1.78
N TRP A 256 -18.21 12.07 2.89
CA TRP A 256 -17.03 12.94 3.22
C TRP A 256 -15.84 12.03 3.57
N ALA A 257 -14.84 11.95 2.69
CA ALA A 257 -13.58 11.18 2.88
C ALA A 257 -12.87 11.67 4.15
N PHE A 258 -12.04 10.81 4.74
CA PHE A 258 -11.58 10.90 6.16
C PHE A 258 -10.51 12.00 6.35
N TRP A 259 -9.70 12.29 5.32
CA TRP A 259 -8.60 13.29 5.42
C TRP A 259 -9.11 14.72 5.24
N GLU A 260 -10.41 14.93 4.96
CA GLU A 260 -10.97 16.24 4.51
C GLU A 260 -11.15 17.18 5.71
N THR A 261 -11.97 16.80 6.70
CA THR A 261 -12.00 17.41 8.06
C THR A 261 -12.40 16.34 9.08
N ARG A 270 -19.84 14.44 20.91
CA ARG A 270 -20.78 14.89 19.85
C ARG A 270 -21.99 13.94 19.78
N SER A 271 -22.59 13.60 20.92
CA SER A 271 -23.75 12.66 21.05
C SER A 271 -24.54 12.93 22.35
N GLU A 272 -25.82 13.30 22.23
CA GLU A 272 -26.76 13.57 23.35
C GLU A 272 -28.12 12.89 23.09
N GLU A 273 -28.18 11.57 23.31
CA GLU A 273 -29.44 10.77 23.30
C GLU A 273 -29.43 9.88 24.55
N LEU A 274 -30.44 9.01 24.67
CA LEU A 274 -30.50 7.88 25.64
C LEU A 274 -31.31 6.72 25.04
N SER A 275 -31.56 5.65 25.80
CA SER A 275 -32.10 4.34 25.31
C SER A 275 -33.27 3.83 26.16
N PHE A 276 -34.11 2.97 25.56
CA PHE A 276 -35.29 2.29 26.17
C PHE A 276 -35.18 0.77 25.98
N THR A 277 -35.28 0.00 27.08
CA THR A 277 -35.15 -1.50 27.15
C THR A 277 -36.36 -2.19 26.48
N VAL A 278 -36.19 -3.44 26.04
CA VAL A 278 -37.27 -4.41 25.62
C VAL A 278 -36.79 -5.83 25.95
N UNK A 279 -31.70 -12.11 22.49
CA UNK A 279 -31.79 -12.25 23.97
C UNK A 279 -32.60 -11.08 24.56
N UNK A 280 -31.98 -9.90 24.71
CA UNK A 280 -32.66 -8.67 25.22
C UNK A 280 -32.60 -7.55 24.15
N UNK A 281 -33.28 -7.77 23.01
CA UNK A 281 -33.19 -6.97 21.74
C UNK A 281 -33.79 -5.56 21.92
N UNK A 282 -33.12 -4.69 22.71
CA UNK A 282 -33.57 -3.34 23.15
C UNK A 282 -33.56 -2.32 21.99
N UNK A 283 -33.51 -1.01 22.28
CA UNK A 283 -33.42 0.10 21.27
C UNK A 283 -32.65 1.31 21.86
N UNK A 284 -32.61 2.46 21.15
CA UNK A 284 -31.97 3.72 21.61
C UNK A 284 -32.36 4.89 20.68
N GLU B 1 2.08 7.25 -23.13
CA GLU B 1 0.97 7.10 -22.09
C GLU B 1 1.34 7.84 -20.82
N ALA B 2 0.61 8.92 -20.53
CA ALA B 2 0.65 9.58 -19.22
C ALA B 2 -0.49 9.02 -18.36
N ILE B 3 -0.54 9.48 -17.12
CA ILE B 3 -1.42 8.88 -16.09
C ILE B 3 -2.42 9.94 -15.67
N VAL B 4 -3.68 9.56 -15.80
CA VAL B 4 -4.82 10.39 -15.32
C VAL B 4 -5.63 9.66 -14.27
N ASN B 5 -5.75 10.25 -13.09
CA ASN B 5 -6.50 9.71 -11.94
C ASN B 5 -7.99 9.70 -12.27
N ALA B 6 -8.53 8.50 -12.33
CA ALA B 6 -9.97 8.26 -12.57
C ALA B 6 -10.60 7.58 -11.36
N GLN B 7 -10.04 7.82 -10.18
CA GLN B 7 -10.59 7.29 -8.92
C GLN B 7 -11.71 8.23 -8.42
N PRO B 8 -12.67 7.68 -7.66
CA PRO B 8 -13.62 8.49 -6.91
C PRO B 8 -12.99 9.68 -6.18
N LYS B 9 -11.92 9.43 -5.44
CA LYS B 9 -11.14 10.48 -4.74
C LYS B 9 -9.65 10.20 -4.91
N CYS B 10 -8.88 11.25 -4.69
CA CYS B 10 -7.42 11.12 -4.50
C CYS B 10 -7.03 11.89 -3.26
N ASN B 11 -6.55 11.19 -2.23
CA ASN B 11 -6.04 11.82 -1.01
C ASN B 11 -4.67 12.36 -1.37
N PRO B 12 -4.47 13.68 -1.50
CA PRO B 12 -3.29 14.20 -2.20
C PRO B 12 -2.08 14.34 -1.30
N ASN B 13 -2.22 13.92 -0.03
CA ASN B 13 -1.06 13.86 0.89
C ASN B 13 -0.73 12.43 1.20
N LEU B 14 0.54 12.05 1.00
CA LEU B 14 1.01 10.70 1.30
C LEU B 14 1.86 10.75 2.55
N HIS B 15 1.25 10.37 3.67
CA HIS B 15 1.95 9.89 4.88
C HIS B 15 2.53 8.52 4.55
N TYR B 16 3.80 8.30 4.82
CA TYR B 16 4.36 6.97 4.50
C TYR B 16 5.20 6.49 5.67
N TRP B 17 5.41 5.18 5.62
CA TRP B 17 6.35 4.44 6.47
C TRP B 17 7.29 3.67 5.56
N THR B 18 8.52 3.51 6.02
CA THR B 18 9.49 2.61 5.37
C THR B 18 10.56 2.25 6.36
N THR B 19 11.63 1.63 5.86
CA THR B 19 12.79 1.27 6.75
C THR B 19 14.10 1.90 6.31
N GLN B 20 14.81 2.46 7.28
CA GLN B 20 16.14 3.01 7.01
C GLN B 20 17.16 1.88 6.97
N ASP B 21 17.97 1.81 5.90
CA ASP B 21 19.04 0.80 5.75
C ASP B 21 20.38 1.43 6.13
N GLU B 22 20.30 2.66 6.63
CA GLU B 22 21.38 3.70 6.71
C GLU B 22 22.80 3.09 6.73
N GLY B 23 23.18 2.37 7.78
CA GLY B 23 24.58 2.00 8.07
C GLY B 23 25.13 2.73 9.30
N ALA B 24 24.53 3.87 9.67
CA ALA B 24 25.02 4.77 10.75
C ALA B 24 23.92 4.97 11.82
N ALA B 25 23.76 3.98 12.71
CA ALA B 25 22.86 4.01 13.89
C ALA B 25 23.62 4.49 15.14
N ILE B 26 22.89 4.81 16.20
CA ILE B 26 23.38 5.58 17.39
C ILE B 26 24.71 5.03 17.89
N GLY B 27 24.87 3.72 17.88
CA GLY B 27 26.10 3.13 18.37
C GLY B 27 25.95 1.71 18.82
N LEU B 28 24.77 1.35 19.32
CA LEU B 28 24.42 -0.05 19.63
C LEU B 28 23.09 -0.48 19.03
N ALA B 29 22.31 0.50 18.58
CA ALA B 29 20.98 0.19 18.02
C ALA B 29 21.02 -0.99 17.05
N TRP B 30 22.06 -0.98 16.23
CA TRP B 30 22.30 -1.86 15.07
C TRP B 30 22.47 -3.31 15.48
N ILE B 31 22.95 -3.56 16.69
CA ILE B 31 23.05 -4.94 17.22
C ILE B 31 21.63 -5.45 17.45
N PRO B 32 21.23 -6.60 16.87
CA PRO B 32 19.83 -7.03 16.89
C PRO B 32 19.32 -7.46 18.27
N TYR B 33 20.24 -7.95 19.11
CA TYR B 33 19.94 -8.31 20.50
C TYR B 33 19.43 -7.10 21.30
N PHE B 34 20.07 -5.95 21.10
CA PHE B 34 19.68 -4.66 21.72
C PHE B 34 18.71 -3.86 20.85
N GLY B 35 18.41 -4.35 19.64
CA GLY B 35 17.77 -3.56 18.59
C GLY B 35 16.31 -3.24 18.88
N PRO B 36 15.77 -2.22 18.19
CA PRO B 36 14.30 -2.04 18.18
C PRO B 36 13.61 -3.32 17.81
N ALA B 37 12.43 -3.55 18.41
CA ALA B 37 11.61 -4.73 18.12
C ALA B 37 10.89 -4.50 16.81
N ALA B 38 10.18 -5.53 16.33
CA ALA B 38 9.62 -5.51 14.97
C ALA B 38 8.82 -4.24 14.71
N GLU B 39 8.13 -3.74 15.73
CA GLU B 39 7.15 -2.64 15.60
C GLU B 39 7.77 -1.27 15.44
N GLY B 40 9.06 -1.08 15.67
CA GLY B 40 9.66 0.25 15.65
C GLY B 40 10.93 0.36 14.85
N ILE B 41 11.02 -0.39 13.78
CA ILE B 41 12.18 -0.38 12.84
C ILE B 41 11.99 0.71 11.79
N TYR B 42 10.85 1.40 11.88
CA TYR B 42 10.31 2.23 10.79
C TYR B 42 10.77 3.66 10.91
N ILE B 43 10.79 4.33 9.76
CA ILE B 43 10.83 5.80 9.65
C ILE B 43 9.56 6.24 8.94
N GLU B 44 9.32 7.53 8.95
CA GLU B 44 8.06 8.05 8.39
C GLU B 44 8.36 9.34 7.65
N GLY B 45 7.53 9.70 6.70
CA GLY B 45 7.58 11.03 6.11
C GLY B 45 6.26 11.38 5.53
N LEU B 46 6.21 12.59 4.96
CA LEU B 46 5.00 13.19 4.38
C LEU B 46 5.39 13.88 3.11
N MET B 47 4.72 13.53 2.03
CA MET B 47 4.97 14.12 0.69
C MET B 47 3.67 14.64 0.11
N HIS B 48 3.75 15.83 -0.47
CA HIS B 48 2.56 16.55 -0.97
C HIS B 48 2.44 16.32 -2.46
N ASN B 49 1.42 16.90 -3.08
CA ASN B 49 1.05 16.58 -4.47
C ASN B 49 1.84 17.45 -5.44
N GLN B 50 2.97 17.99 -4.98
CA GLN B 50 3.82 18.85 -5.87
C GLN B 50 4.09 18.10 -7.18
N ASP B 51 3.81 18.73 -8.34
CA ASP B 51 3.86 18.14 -9.68
C ASP B 51 2.83 17.04 -9.89
N GLY B 52 1.93 16.86 -8.95
CA GLY B 52 0.79 15.93 -9.06
C GLY B 52 1.15 14.50 -8.81
N LEU B 53 2.26 14.29 -8.09
CA LEU B 53 2.89 12.96 -7.91
C LEU B 53 1.98 11.99 -7.16
N ILE B 54 1.33 12.43 -6.10
CA ILE B 54 0.50 11.51 -5.28
C ILE B 54 -0.69 11.04 -6.09
N CYS B 55 -1.41 11.95 -6.72
CA CYS B 55 -2.55 11.52 -7.55
C CYS B 55 -2.02 10.62 -8.67
N GLY B 56 -0.94 11.06 -9.31
CA GLY B 56 -0.27 10.22 -10.32
C GLY B 56 -0.05 8.80 -9.84
N LEU B 57 0.55 8.72 -8.64
CA LEU B 57 1.02 7.45 -8.05
C LEU B 57 -0.16 6.55 -7.77
N ARG B 58 -1.18 7.07 -7.12
CA ARG B 58 -2.36 6.24 -6.80
C ARG B 58 -2.87 5.60 -8.07
N GLN B 59 -3.04 6.38 -9.13
CA GLN B 59 -3.59 5.86 -10.37
C GLN B 59 -2.65 4.83 -10.99
N LEU B 60 -1.37 5.15 -11.01
CA LEU B 60 -0.30 4.24 -11.52
C LEU B 60 -0.39 2.90 -10.84
N ALA B 61 -0.46 2.90 -9.51
CA ALA B 61 -0.54 1.64 -8.73
C ALA B 61 -1.76 0.85 -9.17
N ASN B 62 -2.92 1.52 -9.20
CA ASN B 62 -4.15 0.93 -9.74
C ASN B 62 -3.88 0.24 -11.09
N GLU B 63 -3.38 1.07 -12.02
CA GLU B 63 -3.12 0.67 -13.43
C GLU B 63 -2.24 -0.57 -13.40
N THR B 64 -1.16 -0.48 -12.66
CA THR B 64 -0.13 -1.56 -12.56
C THR B 64 -0.75 -2.93 -12.28
N THR B 65 -1.66 -3.02 -11.31
CA THR B 65 -2.02 -4.30 -10.65
C THR B 65 -2.36 -5.46 -11.58
N GLN B 66 -3.15 -5.26 -12.63
CA GLN B 66 -3.40 -6.37 -13.57
C GLN B 66 -2.09 -6.98 -14.09
N ALA B 67 -1.29 -6.15 -14.73
CA ALA B 67 0.03 -6.48 -15.28
C ALA B 67 0.89 -7.23 -14.28
N LEU B 68 0.84 -6.80 -13.03
CA LEU B 68 1.51 -7.50 -11.91
C LEU B 68 0.87 -8.84 -11.58
N GLN B 69 -0.38 -8.79 -11.18
CA GLN B 69 -1.15 -10.00 -10.80
C GLN B 69 -0.91 -11.10 -11.81
N LEU B 70 -0.89 -10.75 -13.10
CA LEU B 70 -0.72 -11.77 -14.17
C LEU B 70 0.66 -12.41 -14.06
N PHE B 71 1.66 -11.56 -13.87
CA PHE B 71 3.07 -11.95 -13.70
C PHE B 71 3.21 -12.91 -12.52
N LEU B 72 2.47 -12.64 -11.47
CA LEU B 72 2.55 -13.44 -10.23
C LEU B 72 1.96 -14.84 -10.44
N ARG B 73 0.91 -14.93 -11.24
CA ARG B 73 0.31 -16.23 -11.59
C ARG B 73 1.37 -17.14 -12.20
N ALA B 74 2.20 -16.51 -13.03
CA ALA B 74 3.09 -17.16 -14.01
C ALA B 74 4.32 -17.80 -13.34
N THR B 75 4.68 -17.30 -12.18
CA THR B 75 5.89 -17.76 -11.49
C THR B 75 5.47 -18.70 -10.37
N PRO B 76 6.28 -19.73 -10.13
CA PRO B 76 6.07 -20.55 -8.95
C PRO B 76 6.92 -20.21 -7.74
N GLU B 77 7.67 -19.11 -7.79
CA GLU B 77 8.24 -18.45 -6.59
C GLU B 77 7.12 -17.99 -5.67
N LEU B 78 7.21 -18.30 -4.37
CA LEU B 78 6.09 -18.06 -3.46
C LEU B 78 6.06 -16.58 -3.08
N ARG B 79 7.22 -15.98 -2.95
CA ARG B 79 7.40 -14.57 -2.54
C ARG B 79 8.42 -13.93 -3.48
N THR B 80 8.00 -12.92 -4.23
CA THR B 80 8.81 -12.50 -5.41
C THR B 80 9.50 -11.20 -5.08
N PHE B 81 10.82 -11.21 -4.95
CA PHE B 81 11.60 -10.00 -4.62
C PHE B 81 12.35 -9.47 -5.83
N SER B 82 12.66 -10.40 -6.72
CA SER B 82 13.59 -10.13 -7.85
C SER B 82 13.11 -8.93 -8.69
N ILE B 83 11.83 -8.60 -8.58
CA ILE B 83 11.15 -7.76 -9.61
C ILE B 83 12.01 -6.56 -9.97
N LEU B 84 12.41 -5.79 -8.96
CA LEU B 84 13.13 -4.50 -9.16
C LEU B 84 14.50 -4.73 -9.82
N ASN B 85 15.29 -5.59 -9.22
CA ASN B 85 16.65 -5.89 -9.73
C ASN B 85 16.54 -6.26 -11.19
N ARG B 86 15.49 -7.00 -11.46
CA ARG B 86 15.20 -7.56 -12.79
C ARG B 86 14.91 -6.44 -13.78
N LYS B 87 14.11 -5.47 -13.34
CA LYS B 87 13.87 -4.21 -14.11
C LYS B 87 15.16 -3.48 -14.41
N ALA B 88 16.07 -3.42 -13.44
CA ALA B 88 17.31 -2.64 -13.57
C ALA B 88 18.24 -3.33 -14.56
N ILE B 89 18.12 -4.66 -14.64
CA ILE B 89 18.95 -5.39 -15.63
C ILE B 89 18.44 -5.06 -17.02
N ASP B 90 17.16 -5.24 -17.24
CA ASP B 90 16.56 -4.90 -18.55
C ASP B 90 16.94 -3.48 -18.95
N PHE B 91 16.95 -2.58 -17.98
CA PHE B 91 17.40 -1.17 -18.18
C PHE B 91 18.79 -1.12 -18.82
N LEU B 92 19.76 -1.81 -18.26
CA LEU B 92 21.13 -1.78 -18.83
C LEU B 92 21.12 -2.52 -20.17
N LEU B 93 20.44 -3.65 -20.23
CA LEU B 93 20.42 -4.50 -21.43
C LEU B 93 19.87 -3.76 -22.63
N GLN B 94 18.98 -2.82 -22.37
CA GLN B 94 18.21 -2.19 -23.46
C GLN B 94 19.05 -1.10 -24.10
N ARG B 95 20.15 -0.73 -23.47
CA ARG B 95 21.08 0.35 -23.89
C ARG B 95 22.45 -0.24 -24.20
N TRP B 96 22.84 -1.27 -23.50
CA TRP B 96 24.22 -1.81 -23.55
C TRP B 96 24.24 -3.25 -24.00
N GLY B 97 23.10 -3.84 -24.26
CA GLY B 97 23.08 -5.31 -24.53
C GLY B 97 23.34 -5.66 -25.98
N GLY B 98 24.21 -4.91 -26.61
CA GLY B 98 24.41 -5.00 -28.07
C GLY B 98 25.27 -3.88 -28.56
N THR B 99 25.96 -4.10 -29.69
CA THR B 99 26.99 -3.12 -30.13
C THR B 99 26.36 -1.73 -30.10
N CYS B 100 27.04 -0.77 -29.49
CA CYS B 100 26.56 0.61 -29.45
C CYS B 100 27.19 1.36 -30.62
N HIS B 101 26.36 1.64 -31.62
CA HIS B 101 26.75 2.43 -32.82
C HIS B 101 26.77 3.89 -32.42
N ILE B 102 27.95 4.47 -32.24
CA ILE B 102 28.05 5.91 -31.91
C ILE B 102 27.15 6.72 -32.87
N LEU B 103 26.38 7.65 -32.29
CA LEU B 103 25.50 8.59 -32.99
C LEU B 103 24.24 7.96 -33.55
N GLY B 104 24.04 6.67 -33.32
CA GLY B 104 22.77 6.02 -33.63
C GLY B 104 21.67 6.58 -32.75
N PRO B 105 20.42 6.23 -33.07
CA PRO B 105 19.27 6.72 -32.30
C PRO B 105 19.18 6.13 -30.91
N ASP B 106 19.80 4.95 -30.78
CA ASP B 106 19.73 4.03 -29.62
C ASP B 106 21.09 3.82 -28.96
N CYS B 107 22.01 4.78 -29.12
CA CYS B 107 23.32 4.77 -28.42
C CYS B 107 23.44 5.91 -27.41
N CYS B 108 23.96 5.62 -26.23
CA CYS B 108 24.00 6.56 -25.09
C CYS B 108 25.34 7.26 -25.03
N ILE B 109 26.10 7.17 -26.11
CA ILE B 109 27.48 7.68 -26.15
C ILE B 109 27.44 9.13 -26.63
N GLU B 110 28.05 10.02 -25.85
CA GLU B 110 28.11 11.46 -26.20
C GLU B 110 29.56 11.83 -26.58
N PRO B 111 29.87 11.90 -27.89
CA PRO B 111 31.24 12.20 -28.32
C PRO B 111 31.63 13.66 -28.51
N HIS B 112 30.83 14.58 -27.99
CA HIS B 112 30.95 16.03 -28.24
C HIS B 112 32.26 16.61 -27.72
N ASP B 113 32.66 16.19 -26.53
CA ASP B 113 33.92 16.65 -25.90
C ASP B 113 35.10 16.10 -26.70
N LEU B 114 34.96 14.88 -27.21
CA LEU B 114 36.00 14.29 -28.06
C LEU B 114 36.23 15.16 -29.28
N THR B 115 35.19 15.32 -30.11
CA THR B 115 35.31 15.94 -31.46
C THR B 115 35.81 17.39 -31.36
N LYS B 116 35.44 18.13 -30.31
CA LYS B 116 36.09 19.44 -30.03
C LYS B 116 37.59 19.23 -29.97
N ASN B 117 38.06 18.24 -29.19
CA ASN B 117 39.50 17.93 -28.94
C ASN B 117 40.12 17.15 -30.10
N ILE B 118 39.55 17.27 -31.31
CA ILE B 118 40.11 16.74 -32.59
C ILE B 118 40.11 17.86 -33.65
N THR B 119 39.13 18.78 -33.57
CA THR B 119 39.10 20.03 -34.38
C THR B 119 40.17 21.02 -33.87
N ASP B 120 40.56 20.90 -32.60
CA ASP B 120 41.60 21.75 -31.95
C ASP B 120 42.99 21.20 -32.25
N LYS B 121 43.07 19.96 -32.75
CA LYS B 121 44.33 19.28 -33.16
C LYS B 121 44.69 19.64 -34.61
N ILE B 122 43.69 19.90 -35.45
CA ILE B 122 43.88 20.22 -36.91
C ILE B 122 44.24 21.70 -37.06
N ASP B 123 43.59 22.60 -36.31
CA ASP B 123 43.84 24.06 -36.34
C ASP B 123 45.30 24.34 -35.95
N GLN B 124 45.90 23.45 -35.15
CA GLN B 124 47.34 23.42 -34.76
C GLN B 124 48.21 23.18 -36.00
N ILE B 125 47.87 22.18 -36.84
CA ILE B 125 48.71 21.68 -37.97
C ILE B 125 48.32 22.37 -39.29
N ILE B 126 47.55 23.46 -39.25
CA ILE B 126 47.37 24.41 -40.39
C ILE B 126 48.34 25.59 -40.21
N HIS B 127 48.93 25.74 -39.01
CA HIS B 127 49.83 26.85 -38.61
C HIS B 127 51.32 26.42 -38.61
N ASP B 128 51.65 25.12 -38.74
CA ASP B 128 53.06 24.63 -38.68
C ASP B 128 53.33 23.43 -39.62
N PHE B 129 52.48 22.38 -39.66
CA PHE B 129 52.65 21.19 -40.54
C PHE B 129 52.25 21.53 -41.98
N VAL B 130 51.53 22.65 -42.16
CA VAL B 130 51.23 23.26 -43.49
C VAL B 130 52.32 24.31 -43.81
N ASP B 131 53.16 24.65 -42.82
CA ASP B 131 54.23 25.69 -42.91
C ASP B 131 55.49 25.06 -43.54
N LYS B 132 55.31 24.33 -44.65
CA LYS B 132 56.38 23.58 -45.35
C LYS B 132 56.99 24.45 -46.45
N THR B 133 56.20 25.36 -47.03
CA THR B 133 56.62 26.25 -48.16
C THR B 133 57.43 27.44 -47.62
N LEU B 134 57.06 27.99 -46.45
CA LEU B 134 57.78 29.11 -45.75
C LEU B 134 58.82 28.50 -44.81
N PRO B 135 60.15 28.56 -45.13
CA PRO B 135 61.19 28.02 -44.26
C PRO B 135 61.89 29.05 -43.35
N ASP B 136 62.72 28.55 -42.43
CA ASP B 136 63.61 29.34 -41.53
C ASP B 136 62.80 30.47 -40.87
#